data_6FY9
#
_entry.id   6FY9
#
_cell.length_a   80.768
_cell.length_b   86.790
_cell.length_c   132.459
_cell.angle_alpha   90.00
_cell.angle_beta   90.00
_cell.angle_gamma   90.00
#
_symmetry.space_group_name_H-M   'I 2 2 2'
#
loop_
_entity.id
_entity.type
_entity.pdbx_description
1 polymer 'Putative FAD-dependent oxygenase EncM'
2 non-polymer 'FLAVIN-ADENINE DINUCLEOTIDE'
3 non-polymer XENON
#
_entity_poly.entity_id   1
_entity_poly.type   'polypeptide(L)'
_entity_poly.pdbx_seq_one_letter_code
;MQFPQLDPATLAAFSAAFRGELIWPSDADYDEARRIWNGTIDRRPALIARCTSTPDVVAAVSFARKSGLLVAVRGGGHSM
AGHSVCDGGIVIDLSLMNSIKVSRRLRRARAQGGCLLGAFDTATQAHMLATPAGVVSHTGLGGLVLGGGFGWLSRKYGLS
IDNLTSVEIVTADGGVLTASDTENPDLFWAVRGGGGNFGVVTAFEFDLHRVGPVRFASTYYSLDEGPQVIRAWRDHMATA
PDELTWALYLRLAPPLPELPADMHGKPVICAMSCWIGDPHEGERQLESILHAGKPHGLTKATLPYRALQAYSFPGAVVPD
RIYTKSGYLNELSDEATDTVLEHAADIASPFTQLELLYLGGAVARVPDDATAYPNRQSPFVTNLAAAWMDPTEDARHTAW
AREGYRALAGHLSGGYVNFMNPGEADRTREAYGAAKFERLQGVKAKYDPTNLFRLNQNIPPSSP
;
_entity_poly.pdbx_strand_id   A
#
loop_
_chem_comp.id
_chem_comp.type
_chem_comp.name
_chem_comp.formula
FAD non-polymer 'FLAVIN-ADENINE DINUCLEOTIDE' 'C27 H33 N9 O15 P2'
XE non-polymer XENON Xe
#
# COMPACT_ATOMS: atom_id res chain seq x y z
N ASP A 7 2.19 -17.19 -31.92
CA ASP A 7 1.80 -18.42 -32.59
C ASP A 7 0.25 -18.48 -32.66
N PRO A 8 -0.29 -18.55 -33.89
CA PRO A 8 -1.75 -18.49 -34.11
C PRO A 8 -2.60 -19.55 -33.43
N ALA A 9 -2.13 -20.79 -33.34
CA ALA A 9 -2.91 -21.81 -32.64
C ALA A 9 -3.15 -21.44 -31.20
N THR A 10 -2.08 -21.06 -30.49
CA THR A 10 -2.17 -20.60 -29.11
C THR A 10 -3.09 -19.39 -28.98
N LEU A 11 -2.92 -18.39 -29.86
CA LEU A 11 -3.70 -17.15 -29.78
C LEU A 11 -5.19 -17.32 -30.05
N ALA A 12 -5.56 -18.11 -31.05
CA ALA A 12 -6.97 -18.22 -31.39
C ALA A 12 -7.77 -18.85 -30.27
N ALA A 13 -7.20 -19.86 -29.63
CA ALA A 13 -7.84 -20.48 -28.48
C ALA A 13 -8.10 -19.46 -27.38
N PHE A 14 -7.11 -18.60 -27.11
CA PHE A 14 -7.28 -17.56 -26.10
C PHE A 14 -8.46 -16.65 -26.44
N SER A 15 -8.43 -16.03 -27.63
CA SER A 15 -9.55 -15.22 -28.16
C SER A 15 -10.93 -15.85 -27.98
N ALA A 16 -11.07 -17.15 -28.29
CA ALA A 16 -12.38 -17.80 -28.15
C ALA A 16 -12.86 -17.79 -26.71
N ALA A 17 -11.97 -18.04 -25.75
CA ALA A 17 -12.41 -18.18 -24.37
C ALA A 17 -12.47 -16.85 -23.64
N PHE A 18 -11.82 -15.82 -24.21
CA PHE A 18 -11.73 -14.52 -23.55
C PHE A 18 -12.73 -13.50 -24.09
N ARG A 19 -13.37 -12.76 -23.19
CA ARG A 19 -14.35 -11.78 -23.63
C ARG A 19 -13.98 -10.37 -23.20
N GLY A 20 -12.79 -10.19 -22.63
CA GLY A 20 -12.36 -8.89 -22.20
C GLY A 20 -11.55 -8.18 -23.27
N GLU A 21 -11.73 -6.86 -23.36
CA GLU A 21 -11.02 -5.99 -24.28
C GLU A 21 -9.57 -6.39 -24.44
N LEU A 22 -9.06 -6.30 -25.66
CA LEU A 22 -7.67 -6.66 -25.92
C LEU A 22 -6.92 -5.37 -26.17
N ILE A 23 -5.69 -5.33 -25.68
CA ILE A 23 -4.87 -4.17 -25.92
C ILE A 23 -3.56 -4.65 -26.50
N TRP A 24 -3.32 -4.27 -27.70
CA TRP A 24 -2.18 -4.62 -28.49
C TRP A 24 -1.15 -3.51 -28.46
N PRO A 25 0.09 -3.81 -28.86
CA PRO A 25 1.14 -2.78 -28.86
C PRO A 25 0.80 -1.57 -29.70
N SER A 26 -0.03 -1.68 -30.74
CA SER A 26 -0.32 -0.51 -31.60
C SER A 26 -1.46 0.44 -31.20
N ASP A 27 -2.63 -0.12 -30.93
CA ASP A 27 -3.84 0.58 -30.48
C ASP A 27 -3.65 1.98 -29.91
N ALA A 28 -4.61 2.83 -30.22
CA ALA A 28 -4.55 4.21 -29.78
C ALA A 28 -4.46 4.33 -28.27
N ASP A 29 -5.08 3.40 -27.54
CA ASP A 29 -5.09 3.41 -26.09
C ASP A 29 -3.92 2.69 -25.43
N TYR A 30 -3.01 2.15 -26.23
CA TYR A 30 -1.80 1.49 -25.74
C TYR A 30 -0.94 2.35 -24.83
N ASP A 31 -0.57 3.53 -25.29
CA ASP A 31 0.28 4.37 -24.47
C ASP A 31 -0.35 4.65 -23.10
N GLU A 32 -1.67 4.88 -23.06
CA GLU A 32 -2.32 5.08 -21.77
C GLU A 32 -2.48 3.79 -20.99
N ALA A 33 -2.82 2.70 -21.68
CA ALA A 33 -3.02 1.47 -20.94
C ALA A 33 -1.75 0.99 -20.29
N ARG A 34 -0.59 1.27 -20.88
CA ARG A 34 0.63 0.74 -20.31
C ARG A 34 1.27 1.65 -19.26
N ARG A 35 0.73 2.85 -19.06
CA ARG A 35 1.30 3.77 -18.09
C ARG A 35 0.88 3.34 -16.71
N ILE A 36 1.80 3.36 -15.74
CA ILE A 36 1.30 3.07 -14.40
C ILE A 36 1.46 4.33 -13.59
N TRP A 37 0.97 4.27 -12.34
CA TRP A 37 1.01 5.46 -11.48
C TRP A 37 2.42 5.97 -11.35
N ASN A 38 3.35 5.07 -11.07
CA ASN A 38 4.77 5.42 -11.07
C ASN A 38 5.25 5.71 -12.48
N GLY A 39 5.21 6.99 -12.85
CA GLY A 39 5.62 7.49 -14.15
C GLY A 39 7.07 7.29 -14.58
N THR A 40 7.99 6.97 -13.67
CA THR A 40 9.38 6.72 -14.12
C THR A 40 9.56 5.41 -14.87
N ILE A 41 8.62 4.49 -14.79
CA ILE A 41 8.70 3.19 -15.45
C ILE A 41 8.06 3.30 -16.83
N ASP A 42 8.88 3.29 -17.89
CA ASP A 42 8.35 3.50 -19.24
C ASP A 42 8.70 2.24 -20.04
N ARG A 43 7.72 1.34 -20.15
CA ARG A 43 7.90 0.01 -20.71
C ARG A 43 6.76 -0.37 -21.66
N ARG A 44 7.06 -1.25 -22.61
CA ARG A 44 6.15 -1.61 -23.70
C ARG A 44 5.89 -3.11 -23.76
N PRO A 45 4.79 -3.61 -23.21
CA PRO A 45 4.52 -5.06 -23.24
C PRO A 45 4.11 -5.55 -24.62
N ALA A 46 4.26 -6.87 -24.81
CA ALA A 46 3.72 -7.49 -26.01
C ALA A 46 2.19 -7.44 -26.04
N LEU A 47 1.51 -7.49 -24.90
CA LEU A 47 0.04 -7.60 -24.87
C LEU A 47 -0.50 -7.14 -23.53
N ILE A 48 -1.61 -6.40 -23.57
CA ILE A 48 -2.38 -6.00 -22.39
C ILE A 48 -3.79 -6.61 -22.43
N ALA A 49 -4.13 -7.40 -21.42
CA ALA A 49 -5.46 -8.01 -21.32
C ALA A 49 -6.28 -7.40 -20.18
N ARG A 50 -7.24 -6.54 -20.50
CA ARG A 50 -8.08 -5.97 -19.44
C ARG A 50 -9.18 -6.97 -19.17
N CYS A 51 -9.04 -7.72 -18.09
CA CYS A 51 -9.95 -8.82 -17.85
C CYS A 51 -11.26 -8.30 -17.32
N THR A 52 -12.36 -8.98 -17.67
CA THR A 52 -13.67 -8.56 -17.17
C THR A 52 -14.36 -9.66 -16.38
N SER A 53 -13.71 -10.78 -16.13
CA SER A 53 -14.38 -11.82 -15.37
C SER A 53 -13.33 -12.83 -14.91
N THR A 54 -13.76 -13.68 -13.97
CA THR A 54 -12.87 -14.75 -13.51
C THR A 54 -12.39 -15.68 -14.60
N PRO A 55 -13.26 -16.22 -15.48
CA PRO A 55 -12.80 -17.08 -16.58
C PRO A 55 -11.93 -16.39 -17.61
N ASP A 56 -12.15 -15.09 -17.78
CA ASP A 56 -11.22 -14.27 -18.55
C ASP A 56 -9.80 -14.43 -18.06
N VAL A 57 -9.61 -14.28 -16.77
CA VAL A 57 -8.29 -14.39 -16.16
C VAL A 57 -7.67 -15.77 -16.34
N VAL A 58 -8.42 -16.83 -16.06
CA VAL A 58 -7.96 -18.21 -16.33
C VAL A 58 -7.39 -18.39 -17.72
N ALA A 59 -8.08 -17.92 -18.74
CA ALA A 59 -7.60 -18.19 -20.09
C ALA A 59 -6.28 -17.45 -20.28
N ALA A 60 -6.23 -16.26 -19.72
CA ALA A 60 -5.05 -15.43 -19.83
C ALA A 60 -3.87 -16.03 -19.07
N VAL A 61 -4.09 -16.63 -17.91
CA VAL A 61 -2.98 -17.28 -17.19
C VAL A 61 -2.35 -18.41 -18.03
N SER A 62 -3.17 -19.32 -18.54
CA SER A 62 -2.67 -20.45 -19.33
C SER A 62 -1.92 -20.00 -20.57
N PHE A 63 -2.52 -19.05 -21.26
CA PHE A 63 -1.98 -18.52 -22.50
C PHE A 63 -0.58 -17.97 -22.35
N ALA A 64 -0.37 -17.13 -21.35
CA ALA A 64 0.97 -16.58 -21.15
C ALA A 64 1.96 -17.71 -20.89
N ARG A 65 1.55 -18.70 -20.09
CA ARG A 65 2.39 -19.86 -19.83
C ARG A 65 2.74 -20.62 -21.10
N LYS A 66 1.74 -20.96 -21.91
CA LYS A 66 2.03 -21.78 -23.08
C LYS A 66 2.87 -21.05 -24.10
N SER A 67 2.82 -19.72 -24.12
CA SER A 67 3.58 -18.86 -25.02
C SER A 67 4.96 -18.46 -24.51
N GLY A 68 5.28 -18.76 -23.27
CA GLY A 68 6.48 -18.22 -22.66
C GLY A 68 6.48 -16.71 -22.60
N LEU A 69 5.32 -16.12 -22.37
CA LEU A 69 5.24 -14.70 -22.07
C LEU A 69 5.45 -14.42 -20.60
N LEU A 70 6.33 -13.47 -20.28
CA LEU A 70 6.47 -12.97 -18.92
C LEU A 70 5.13 -12.40 -18.45
N VAL A 71 4.69 -12.77 -17.26
CA VAL A 71 3.38 -12.37 -16.76
C VAL A 71 3.48 -11.22 -15.79
N ALA A 72 2.87 -10.09 -16.14
CA ALA A 72 2.65 -9.00 -15.21
C ALA A 72 1.19 -8.94 -14.83
N VAL A 73 0.94 -8.76 -13.53
CA VAL A 73 -0.40 -8.63 -12.98
C VAL A 73 -0.50 -7.21 -12.43
N ARG A 74 -1.57 -6.51 -12.77
CA ARG A 74 -1.78 -5.13 -12.35
C ARG A 74 -3.14 -4.96 -11.69
N GLY A 75 -3.17 -4.41 -10.49
CA GLY A 75 -4.46 -4.09 -9.92
C GLY A 75 -4.64 -2.60 -10.10
N GLY A 76 -4.08 -1.78 -9.22
CA GLY A 76 -4.31 -0.36 -9.34
C GLY A 76 -3.15 0.37 -9.94
N GLY A 77 -2.06 -0.34 -10.23
CA GLY A 77 -0.93 0.22 -10.93
C GLY A 77 -0.04 1.09 -10.06
N HIS A 78 -0.26 1.06 -8.76
CA HIS A 78 0.54 1.91 -7.90
C HIS A 78 1.90 1.34 -7.59
N SER A 79 2.26 0.17 -8.13
CA SER A 79 3.53 -0.38 -7.72
C SER A 79 4.62 0.66 -7.68
N MET A 80 5.09 0.93 -6.46
CA MET A 80 6.20 1.83 -6.26
C MET A 80 7.46 1.26 -6.87
N ALA A 81 7.48 -0.05 -7.12
CA ALA A 81 8.64 -0.71 -7.68
C ALA A 81 8.45 -0.88 -9.17
N GLY A 82 7.29 -0.47 -9.68
CA GLY A 82 6.94 -0.61 -11.09
C GLY A 82 6.58 -2.01 -11.56
N HIS A 83 6.21 -2.91 -10.64
CA HIS A 83 5.97 -4.29 -11.02
C HIS A 83 4.76 -4.53 -11.91
N SER A 84 3.79 -3.64 -11.95
CA SER A 84 2.61 -3.98 -12.74
C SER A 84 2.71 -3.64 -14.24
N VAL A 85 3.88 -3.25 -14.77
CA VAL A 85 4.00 -3.17 -16.22
C VAL A 85 5.38 -3.63 -16.67
N CYS A 86 5.43 -4.22 -17.87
CA CYS A 86 6.65 -4.82 -18.39
C CYS A 86 6.84 -4.42 -19.84
N ASP A 87 8.09 -4.36 -20.29
CA ASP A 87 8.36 -4.30 -21.72
C ASP A 87 8.45 -5.75 -22.20
N GLY A 88 7.61 -6.15 -23.15
CA GLY A 88 7.94 -7.38 -23.85
C GLY A 88 7.40 -8.58 -23.09
N GLY A 89 6.09 -8.72 -23.02
CA GLY A 89 5.47 -9.82 -22.29
C GLY A 89 3.98 -9.58 -22.23
N ILE A 90 3.36 -10.02 -21.14
CA ILE A 90 1.93 -9.78 -21.03
C ILE A 90 1.61 -9.07 -19.72
N VAL A 91 0.67 -8.12 -19.79
CA VAL A 91 0.14 -7.42 -18.62
C VAL A 91 -1.29 -7.90 -18.44
N ILE A 92 -1.56 -8.60 -17.34
CA ILE A 92 -2.91 -9.00 -16.98
C ILE A 92 -3.60 -7.89 -16.19
N ASP A 93 -4.37 -7.06 -16.87
CA ASP A 93 -5.01 -5.96 -16.17
C ASP A 93 -6.38 -6.35 -15.69
N LEU A 94 -6.58 -6.33 -14.38
CA LEU A 94 -7.88 -6.66 -13.85
C LEU A 94 -8.72 -5.41 -13.60
N SER A 95 -8.27 -4.25 -14.10
CA SER A 95 -9.01 -3.05 -13.77
C SER A 95 -10.49 -3.14 -13.98
N LEU A 96 -10.97 -3.85 -14.97
CA LEU A 96 -12.37 -4.00 -15.15
C LEU A 96 -13.06 -4.83 -14.08
N MET A 97 -12.35 -5.73 -13.41
CA MET A 97 -12.95 -6.50 -12.35
C MET A 97 -12.79 -5.55 -11.24
N ASN A 98 -13.90 -4.91 -10.92
CA ASN A 98 -14.05 -3.82 -9.99
C ASN A 98 -15.36 -3.97 -9.24
N SER A 99 -15.99 -5.13 -9.33
CA SER A 99 -17.28 -5.35 -8.72
C SER A 99 -17.17 -5.77 -7.25
N ILE A 100 -18.22 -5.46 -6.48
CA ILE A 100 -18.27 -5.67 -5.02
C ILE A 100 -19.65 -6.10 -4.52
N LYS A 101 -19.67 -7.18 -3.71
CA LYS A 101 -20.86 -7.67 -2.99
C LYS A 101 -20.76 -7.37 -1.49
N VAL A 102 -21.84 -6.87 -0.88
CA VAL A 102 -21.88 -6.59 0.56
C VAL A 102 -23.05 -7.35 1.19
N SER A 103 -23.04 -7.42 2.52
CA SER A 103 -24.18 -7.90 3.29
C SER A 103 -24.21 -7.20 4.64
N ARG A 104 -25.25 -6.37 4.88
CA ARG A 104 -25.39 -5.77 6.21
C ARG A 104 -25.56 -6.83 7.28
N ARG A 105 -26.42 -7.81 6.97
CA ARG A 105 -26.79 -8.98 7.83
C ARG A 105 -25.73 -10.08 7.98
N LEU A 106 -24.67 -9.97 7.20
CA LEU A 106 -23.48 -10.81 7.29
C LEU A 106 -22.15 -10.07 7.40
N ARG A 107 -22.19 -8.74 7.51
CA ARG A 107 -20.96 -7.98 7.56
C ARG A 107 -19.82 -8.65 6.80
N ARG A 108 -20.04 -8.84 5.51
CA ARG A 108 -19.07 -9.53 4.68
C ARG A 108 -19.05 -8.81 3.35
N ALA A 109 -17.90 -8.79 2.70
CA ALA A 109 -17.85 -8.24 1.36
C ALA A 109 -17.03 -9.19 0.49
N ARG A 110 -17.38 -9.25 -0.80
CA ARG A 110 -16.61 -9.96 -1.83
C ARG A 110 -16.23 -9.03 -2.97
N ALA A 111 -14.93 -8.83 -3.13
CA ALA A 111 -14.36 -7.90 -4.09
C ALA A 111 -13.52 -8.62 -5.14
N GLN A 112 -13.68 -8.21 -6.38
CA GLN A 112 -12.84 -8.79 -7.39
C GLN A 112 -11.45 -8.22 -7.15
N GLY A 113 -10.43 -8.90 -7.66
CA GLY A 113 -9.04 -8.56 -7.38
C GLY A 113 -8.54 -7.24 -7.90
N GLY A 114 -9.33 -6.53 -8.69
CA GLY A 114 -8.89 -5.27 -9.26
C GLY A 114 -9.45 -4.05 -8.62
N CYS A 115 -10.17 -4.19 -7.52
CA CYS A 115 -10.80 -3.06 -6.88
C CYS A 115 -9.80 -1.97 -6.51
N LEU A 116 -10.27 -0.74 -6.63
CA LEU A 116 -9.67 0.40 -6.00
C LEU A 116 -10.31 0.56 -4.64
N LEU A 117 -9.52 1.03 -3.69
CA LEU A 117 -10.01 1.20 -2.32
C LEU A 117 -11.32 1.98 -2.27
N GLY A 118 -11.45 3.02 -3.10
CA GLY A 118 -12.56 3.93 -2.92
C GLY A 118 -13.88 3.33 -3.32
N ALA A 119 -13.88 2.49 -4.35
CA ALA A 119 -15.06 1.68 -4.61
C ALA A 119 -15.39 0.81 -3.41
N PHE A 120 -14.38 0.19 -2.81
CA PHE A 120 -14.61 -0.70 -1.69
C PHE A 120 -15.15 0.00 -0.46
N ASP A 121 -14.49 1.07 -0.04
CA ASP A 121 -14.91 1.78 1.17
C ASP A 121 -16.30 2.35 0.97
N THR A 122 -16.57 2.86 -0.23
CA THR A 122 -17.93 3.31 -0.58
C THR A 122 -18.93 2.21 -0.35
N ALA A 123 -18.60 0.98 -0.77
CA ALA A 123 -19.57 -0.10 -0.66
C ALA A 123 -19.87 -0.41 0.79
N THR A 124 -18.86 -0.44 1.64
CA THR A 124 -19.11 -0.89 3.00
C THR A 124 -19.76 0.22 3.81
N GLN A 125 -19.38 1.47 3.56
CA GLN A 125 -19.94 2.55 4.35
C GLN A 125 -21.38 2.82 3.98
N ALA A 126 -21.84 2.22 2.88
CA ALA A 126 -23.26 2.24 2.60
C ALA A 126 -24.04 1.62 3.74
N HIS A 127 -23.42 0.69 4.46
CA HIS A 127 -24.01 0.01 5.59
C HIS A 127 -23.37 0.43 6.90
N MET A 128 -22.72 1.59 6.88
CA MET A 128 -21.91 2.13 7.97
C MET A 128 -20.83 1.14 8.38
N LEU A 129 -20.32 0.37 7.41
CA LEU A 129 -19.33 -0.64 7.68
C LEU A 129 -18.00 -0.21 7.05
N ALA A 130 -16.90 -0.81 7.52
CA ALA A 130 -15.56 -0.54 7.00
C ALA A 130 -14.63 -1.67 7.44
N THR A 131 -13.50 -1.82 6.77
CA THR A 131 -12.35 -2.60 7.23
C THR A 131 -11.05 -1.92 6.85
N PRO A 132 -9.95 -2.17 7.57
CA PRO A 132 -8.71 -1.39 7.32
C PRO A 132 -8.16 -1.58 5.91
N ALA A 133 -7.70 -0.48 5.32
CA ALA A 133 -7.01 -0.46 4.03
C ALA A 133 -6.17 0.81 3.99
N GLY A 134 -5.57 1.13 2.83
CA GLY A 134 -4.61 2.21 2.86
C GLY A 134 -5.34 3.54 2.93
N VAL A 135 -4.57 4.62 3.00
CA VAL A 135 -5.19 5.91 3.26
C VAL A 135 -5.42 6.75 2.02
N VAL A 136 -5.00 6.31 0.87
CA VAL A 136 -5.20 7.05 -0.37
C VAL A 136 -6.09 6.19 -1.22
N SER A 137 -7.25 6.74 -1.54
CA SER A 137 -8.35 5.93 -2.03
C SER A 137 -8.16 5.27 -3.39
N HIS A 138 -7.39 5.85 -4.30
CA HIS A 138 -7.27 5.19 -5.61
C HIS A 138 -6.21 4.08 -5.64
N THR A 139 -5.64 3.71 -4.51
CA THR A 139 -4.80 2.53 -4.44
C THR A 139 -5.54 1.28 -4.85
N GLY A 140 -4.82 0.36 -5.50
CA GLY A 140 -5.43 -0.89 -5.85
C GLY A 140 -5.54 -1.76 -4.61
N LEU A 141 -6.69 -2.40 -4.49
CA LEU A 141 -6.94 -3.35 -3.42
C LEU A 141 -6.02 -4.58 -3.55
N GLY A 142 -5.80 -5.02 -4.79
CA GLY A 142 -5.02 -6.21 -5.03
C GLY A 142 -3.63 -6.26 -4.47
N GLY A 143 -2.74 -5.39 -4.96
CA GLY A 143 -1.36 -5.42 -4.50
C GLY A 143 -1.25 -5.04 -3.06
N LEU A 144 -2.15 -4.19 -2.59
CA LEU A 144 -2.06 -3.72 -1.24
C LEU A 144 -2.21 -4.87 -0.28
N VAL A 145 -3.24 -5.68 -0.49
CA VAL A 145 -3.55 -6.74 0.45
C VAL A 145 -2.54 -7.87 0.35
N LEU A 146 -2.10 -8.13 -0.86
CA LEU A 146 -1.20 -9.25 -1.11
C LEU A 146 0.05 -9.09 -0.26
N GLY A 147 0.52 -7.86 -0.07
CA GLY A 147 1.73 -7.70 0.69
C GLY A 147 1.47 -7.44 2.15
N GLY A 148 0.20 -7.38 2.56
CA GLY A 148 -0.19 -7.03 3.91
C GLY A 148 -1.23 -5.93 4.12
N GLY A 149 -0.93 -4.65 3.89
CA GLY A 149 -1.97 -3.63 3.98
C GLY A 149 -2.33 -3.07 5.35
N PHE A 150 -2.01 -1.80 5.58
CA PHE A 150 -2.42 -1.03 6.74
C PHE A 150 -3.06 0.30 6.38
N GLY A 151 -3.80 0.86 7.34
CA GLY A 151 -4.33 2.21 7.21
C GLY A 151 -4.85 2.77 8.52
N TRP A 152 -5.86 3.64 8.51
CA TRP A 152 -6.33 4.25 9.78
C TRP A 152 -6.85 3.26 10.81
N LEU A 153 -7.52 2.20 10.40
CA LEU A 153 -8.13 1.28 11.37
C LEU A 153 -7.19 0.20 11.81
N SER A 154 -5.99 0.18 11.25
CA SER A 154 -5.07 -0.92 11.46
C SER A 154 -4.67 -1.07 12.92
N ARG A 155 -4.39 0.03 13.61
CA ARG A 155 -4.10 -0.11 15.03
C ARG A 155 -5.25 -0.77 15.80
N LYS A 156 -6.50 -0.42 15.47
CA LYS A 156 -7.64 -1.05 16.15
C LYS A 156 -7.94 -2.47 15.68
N TYR A 157 -8.01 -2.68 14.36
CA TYR A 157 -8.54 -3.88 13.72
C TYR A 157 -7.57 -4.68 12.87
N GLY A 158 -6.33 -4.26 12.78
CA GLY A 158 -5.31 -5.05 12.12
C GLY A 158 -5.12 -4.72 10.67
N LEU A 159 -4.23 -5.49 10.07
CA LEU A 159 -4.01 -5.36 8.65
C LEU A 159 -5.24 -5.79 7.88
N SER A 160 -5.31 -5.28 6.67
CA SER A 160 -6.27 -5.82 5.72
C SER A 160 -6.24 -7.35 5.72
N ILE A 161 -5.05 -7.94 5.64
CA ILE A 161 -4.93 -9.40 5.64
C ILE A 161 -5.41 -10.03 6.94
N ASP A 162 -5.45 -9.27 8.02
CA ASP A 162 -5.93 -9.74 9.31
C ASP A 162 -7.43 -9.88 9.35
N ASN A 163 -8.08 -9.40 8.31
CA ASN A 163 -9.51 -9.45 8.12
C ASN A 163 -9.89 -10.25 6.90
N LEU A 164 -8.91 -10.88 6.27
CA LEU A 164 -9.11 -11.69 5.09
C LEU A 164 -9.50 -13.12 5.48
N THR A 165 -10.56 -13.64 4.86
CA THR A 165 -11.05 -14.98 5.16
C THR A 165 -10.81 -15.97 4.02
N SER A 166 -11.60 -15.94 2.94
CA SER A 166 -11.21 -16.72 1.78
C SER A 166 -10.78 -15.77 0.67
N VAL A 167 -10.24 -16.39 -0.38
CA VAL A 167 -9.85 -15.72 -1.62
C VAL A 167 -10.18 -16.68 -2.75
N GLU A 168 -10.41 -16.17 -3.96
CA GLU A 168 -10.36 -17.01 -5.15
C GLU A 168 -9.09 -16.67 -5.92
N ILE A 169 -8.28 -17.68 -6.27
CA ILE A 169 -6.99 -17.43 -6.90
C ILE A 169 -6.73 -18.33 -8.10
N VAL A 170 -6.16 -17.75 -9.16
CA VAL A 170 -5.75 -18.49 -10.34
C VAL A 170 -4.26 -18.78 -10.26
N THR A 171 -3.90 -20.05 -10.24
CA THR A 171 -2.51 -20.45 -10.07
C THR A 171 -1.86 -20.68 -11.42
N ALA A 172 -0.54 -20.83 -11.40
CA ALA A 172 0.24 -20.91 -12.63
C ALA A 172 -0.22 -22.07 -13.49
N ASP A 173 -0.67 -23.14 -12.86
CA ASP A 173 -1.09 -24.28 -13.66
C ASP A 173 -2.48 -24.14 -14.21
N GLY A 174 -3.09 -22.99 -14.00
CA GLY A 174 -4.36 -22.66 -14.59
C GLY A 174 -5.53 -23.20 -13.84
N GLY A 175 -5.32 -23.70 -12.61
CA GLY A 175 -6.43 -24.19 -11.82
C GLY A 175 -7.04 -23.07 -11.04
N VAL A 176 -8.29 -23.24 -10.68
CA VAL A 176 -8.94 -22.30 -9.77
C VAL A 176 -9.24 -22.98 -8.44
N LEU A 177 -8.90 -22.27 -7.37
CA LEU A 177 -8.90 -22.76 -6.03
C LEU A 177 -9.52 -21.74 -5.11
N THR A 178 -10.15 -22.24 -4.07
CA THR A 178 -10.50 -21.39 -2.96
C THR A 178 -9.48 -21.65 -1.88
N ALA A 179 -9.03 -20.60 -1.21
CA ALA A 179 -8.10 -20.75 -0.13
C ALA A 179 -8.62 -19.98 1.07
N SER A 180 -8.54 -20.62 2.22
CA SER A 180 -8.95 -20.06 3.47
C SER A 180 -8.17 -20.76 4.58
N ASP A 181 -8.52 -20.48 5.82
CA ASP A 181 -7.97 -21.21 6.97
C ASP A 181 -8.23 -22.70 6.94
N THR A 182 -9.25 -23.15 6.23
CA THR A 182 -9.56 -24.57 6.17
C THR A 182 -9.34 -25.14 4.80
N GLU A 183 -8.92 -24.32 3.85
CA GLU A 183 -8.72 -24.77 2.49
C GLU A 183 -7.37 -24.28 2.02
N ASN A 184 -6.49 -25.21 1.73
CA ASN A 184 -5.11 -24.91 1.38
C ASN A 184 -4.49 -23.91 2.35
N PRO A 185 -4.60 -24.13 3.66
CA PRO A 185 -4.11 -23.12 4.61
C PRO A 185 -2.65 -22.78 4.41
N ASP A 186 -1.85 -23.69 3.85
CA ASP A 186 -0.48 -23.31 3.53
C ASP A 186 -0.45 -22.11 2.58
N LEU A 187 -1.31 -22.13 1.56
CA LEU A 187 -1.34 -21.01 0.61
C LEU A 187 -1.94 -19.78 1.23
N PHE A 188 -3.00 -19.97 2.02
CA PHE A 188 -3.66 -18.85 2.67
C PHE A 188 -2.72 -18.16 3.63
N TRP A 189 -1.85 -18.94 4.27
CA TRP A 189 -0.85 -18.36 5.13
C TRP A 189 0.11 -17.56 4.28
N ALA A 190 0.53 -18.17 3.15
CA ALA A 190 1.56 -17.59 2.32
C ALA A 190 1.02 -16.40 1.56
N VAL A 191 -0.24 -16.47 1.14
CA VAL A 191 -0.74 -15.34 0.40
C VAL A 191 -0.94 -14.13 1.29
N ARG A 192 -1.05 -14.30 2.61
CA ARG A 192 -1.23 -13.15 3.48
C ARG A 192 0.14 -12.57 3.78
N GLY A 193 0.68 -11.88 2.79
CA GLY A 193 1.97 -11.27 2.99
C GLY A 193 3.02 -11.67 1.99
N GLY A 194 2.83 -12.70 1.18
CA GLY A 194 3.95 -13.03 0.32
C GLY A 194 3.96 -12.25 -0.98
N GLY A 195 2.82 -12.05 -1.58
CA GLY A 195 2.73 -11.20 -2.75
C GLY A 195 2.06 -11.91 -3.89
N GLY A 196 2.25 -11.39 -5.10
CA GLY A 196 1.63 -12.09 -6.20
C GLY A 196 2.45 -13.24 -6.70
N ASN A 197 3.37 -13.69 -5.87
CA ASN A 197 4.29 -14.73 -6.31
C ASN A 197 3.56 -16.00 -6.64
N PHE A 198 2.35 -16.19 -6.11
CA PHE A 198 1.67 -17.48 -6.15
C PHE A 198 0.53 -17.54 -7.14
N GLY A 199 0.20 -16.47 -7.82
CA GLY A 199 -0.95 -16.48 -8.70
C GLY A 199 -1.78 -15.22 -8.61
N VAL A 200 -2.89 -15.19 -9.32
CA VAL A 200 -3.71 -13.99 -9.48
C VAL A 200 -4.99 -14.06 -8.67
N VAL A 201 -5.14 -13.18 -7.70
CA VAL A 201 -6.36 -13.19 -6.90
C VAL A 201 -7.49 -12.50 -7.65
N THR A 202 -8.58 -13.23 -7.87
CA THR A 202 -9.75 -12.75 -8.61
C THR A 202 -10.90 -12.38 -7.71
N ALA A 203 -10.88 -12.85 -6.46
CA ALA A 203 -11.88 -12.53 -5.46
C ALA A 203 -11.28 -12.62 -4.07
N PHE A 204 -11.68 -11.69 -3.23
CA PHE A 204 -11.28 -11.52 -1.83
C PHE A 204 -12.48 -11.59 -0.89
N GLU A 205 -12.36 -12.30 0.25
CA GLU A 205 -13.40 -12.30 1.29
C GLU A 205 -12.86 -11.72 2.59
N PHE A 206 -13.60 -10.78 3.19
CA PHE A 206 -13.31 -9.98 4.39
C PHE A 206 -14.39 -10.18 5.44
N ASP A 207 -14.10 -9.68 6.63
CA ASP A 207 -15.07 -9.44 7.70
C ASP A 207 -15.28 -7.94 7.83
N LEU A 208 -16.49 -7.51 8.15
CA LEU A 208 -16.80 -6.07 8.24
C LEU A 208 -17.19 -5.56 9.64
N HIS A 209 -16.68 -4.39 10.01
CA HIS A 209 -16.96 -3.77 11.29
C HIS A 209 -17.82 -2.52 11.11
N ARG A 210 -18.55 -2.16 12.15
CA ARG A 210 -19.36 -0.95 12.07
C ARG A 210 -18.46 0.23 12.44
N VAL A 211 -18.39 1.23 11.56
CA VAL A 211 -17.56 2.41 11.80
C VAL A 211 -18.28 3.72 11.54
N GLY A 212 -18.66 4.43 12.61
CA GLY A 212 -19.35 5.68 12.46
C GLY A 212 -18.41 6.87 12.43
N PRO A 213 -18.97 8.07 12.56
CA PRO A 213 -18.14 9.28 12.47
C PRO A 213 -16.97 9.22 13.42
N VAL A 214 -15.81 9.62 12.91
CA VAL A 214 -14.53 9.55 13.63
C VAL A 214 -14.01 10.99 13.80
N ARG A 215 -13.55 11.36 15.00
CA ARG A 215 -13.01 12.71 15.18
C ARG A 215 -11.59 12.73 14.64
N PHE A 216 -11.30 13.71 13.78
CA PHE A 216 -10.08 13.76 12.98
C PHE A 216 -9.44 15.13 13.08
N ALA A 217 -8.10 15.15 13.15
CA ALA A 217 -7.36 16.40 13.20
C ALA A 217 -6.07 16.35 12.41
N SER A 218 -5.77 17.46 11.72
CA SER A 218 -4.47 17.69 11.09
C SER A 218 -4.01 19.10 11.40
N THR A 219 -2.70 19.27 11.61
CA THR A 219 -2.15 20.56 12.01
C THR A 219 -0.75 20.68 11.45
N TYR A 220 -0.19 21.89 11.47
CA TYR A 220 1.17 22.08 10.97
C TYR A 220 2.06 22.77 11.98
N TYR A 221 2.86 21.95 12.63
CA TYR A 221 3.82 22.42 13.59
C TYR A 221 5.05 22.96 12.86
N SER A 222 5.64 24.02 13.42
CA SER A 222 6.86 24.61 12.88
C SER A 222 8.00 23.61 12.98
N LEU A 223 8.88 23.59 11.98
CA LEU A 223 10.01 22.66 12.09
C LEU A 223 10.93 22.93 13.28
N ASP A 224 10.87 24.14 13.87
CA ASP A 224 11.66 24.41 15.07
C ASP A 224 11.31 23.47 16.20
N GLU A 225 10.06 23.12 16.29
CA GLU A 225 9.55 22.32 17.37
C GLU A 225 9.56 20.84 17.02
N GLY A 226 10.23 20.46 15.93
CA GLY A 226 10.36 19.07 15.57
C GLY A 226 10.80 18.08 16.62
N PRO A 227 11.88 18.35 17.34
CA PRO A 227 12.33 17.38 18.36
C PRO A 227 11.33 17.02 19.44
N GLN A 228 10.69 18.02 20.03
CA GLN A 228 9.78 17.73 21.13
C GLN A 228 8.51 17.04 20.69
N VAL A 229 8.00 17.41 19.53
CA VAL A 229 6.79 16.76 19.04
C VAL A 229 7.03 15.27 18.81
N ILE A 230 8.08 14.93 18.06
CA ILE A 230 8.39 13.53 17.78
C ILE A 230 8.73 12.77 19.04
N ARG A 231 9.54 13.36 19.93
CA ARG A 231 9.82 12.66 21.17
C ARG A 231 8.52 12.43 21.91
N ALA A 232 7.69 13.47 22.01
CA ALA A 232 6.35 13.32 22.57
C ALA A 232 5.57 12.30 21.78
N TRP A 233 5.61 12.44 20.46
CA TRP A 233 4.89 11.51 19.60
C TRP A 233 5.35 10.08 19.85
N ARG A 234 6.66 9.82 19.76
CA ARG A 234 7.09 8.44 19.87
C ARG A 234 6.83 7.83 21.26
N ASP A 235 7.07 8.56 22.35
CA ASP A 235 6.82 7.96 23.67
C ASP A 235 5.32 7.84 23.94
N HIS A 236 4.52 8.81 23.46
CA HIS A 236 3.10 8.79 23.82
C HIS A 236 2.42 7.68 23.07
N MET A 237 2.81 7.49 21.80
CA MET A 237 2.23 6.43 20.99
C MET A 237 2.63 5.08 21.54
N ALA A 238 3.85 5.00 22.09
CA ALA A 238 4.27 3.85 22.86
C ALA A 238 3.15 3.45 23.80
N THR A 239 2.42 4.47 24.33
CA THR A 239 1.37 4.26 25.32
C THR A 239 -0.02 4.76 24.90
N ALA A 240 -0.24 5.02 23.61
CA ALA A 240 -1.50 5.56 23.13
C ALA A 240 -2.58 4.48 23.11
N PRO A 241 -3.84 4.83 23.34
CA PRO A 241 -4.93 3.83 23.16
C PRO A 241 -4.89 3.22 21.76
N ASP A 242 -5.35 1.95 21.63
CA ASP A 242 -5.46 1.36 20.29
C ASP A 242 -6.31 2.25 19.40
N GLU A 243 -7.27 2.94 20.01
CA GLU A 243 -8.21 3.79 19.32
C GLU A 243 -7.55 5.02 18.70
N LEU A 244 -6.39 5.43 19.22
CA LEU A 244 -5.73 6.62 18.71
C LEU A 244 -4.78 6.28 17.58
N THR A 245 -4.97 6.93 16.44
CA THR A 245 -4.00 6.84 15.36
C THR A 245 -3.45 8.22 15.08
N TRP A 246 -2.12 8.30 14.93
CA TRP A 246 -1.47 9.60 14.84
C TRP A 246 -0.25 9.45 13.93
N ALA A 247 -0.25 10.10 12.77
CA ALA A 247 0.84 9.99 11.81
C ALA A 247 1.50 11.35 11.52
N LEU A 248 2.79 11.35 11.18
CA LEU A 248 3.50 12.59 10.84
C LEU A 248 4.01 12.62 9.41
N TYR A 249 3.72 13.73 8.73
CA TYR A 249 4.18 13.99 7.37
C TYR A 249 5.02 15.27 7.32
N LEU A 250 6.31 15.12 7.04
CA LEU A 250 7.25 16.24 6.97
C LEU A 250 7.40 16.64 5.51
N ARG A 251 7.14 17.90 5.20
CA ARG A 251 7.00 18.26 3.79
C ARG A 251 7.16 19.75 3.64
N LEU A 252 7.25 20.17 2.40
CA LEU A 252 7.25 21.56 2.16
C LEU A 252 5.81 21.97 2.48
N ALA A 253 5.59 23.12 3.10
CA ALA A 253 4.29 23.57 3.53
C ALA A 253 3.45 23.92 2.31
N PRO A 254 2.28 23.33 2.18
CA PRO A 254 1.41 23.67 1.07
C PRO A 254 1.01 25.12 1.13
N PRO A 255 0.82 25.75 0.01
CA PRO A 255 0.37 27.15 -0.04
C PRO A 255 -1.09 27.29 0.36
N LEU A 256 -1.43 26.92 1.64
CA LEU A 256 -2.85 27.00 1.99
C LEU A 256 -3.24 28.26 2.72
N PRO A 257 -4.46 28.75 2.47
CA PRO A 257 -4.85 30.04 3.03
C PRO A 257 -4.90 29.95 4.54
N GLU A 258 -5.21 28.76 5.06
CA GLU A 258 -5.06 28.40 6.47
C GLU A 258 -3.62 28.51 6.95
N LEU A 259 -2.73 28.47 6.13
CA LEU A 259 -1.40 28.72 6.68
C LEU A 259 -0.98 30.18 6.51
N PRO A 260 -0.33 30.73 7.53
CA PRO A 260 0.31 32.04 7.39
C PRO A 260 1.29 32.02 6.22
N ALA A 261 1.33 33.11 5.45
CA ALA A 261 2.26 33.22 4.30
C ALA A 261 3.70 32.93 4.68
N ASP A 262 4.09 33.26 5.91
CA ASP A 262 5.46 33.02 6.30
C ASP A 262 5.72 31.53 6.52
N MET A 263 4.69 30.68 6.46
CA MET A 263 5.01 29.27 6.48
C MET A 263 4.90 28.66 5.10
N HIS A 264 4.25 29.36 4.16
CA HIS A 264 4.12 28.84 2.80
C HIS A 264 5.48 28.51 2.22
N GLY A 265 5.57 27.30 1.67
CA GLY A 265 6.70 26.77 0.97
C GLY A 265 7.85 26.45 1.88
N LYS A 266 7.67 26.67 3.26
CA LYS A 266 8.71 26.28 4.19
C LYS A 266 8.48 24.87 4.71
N PRO A 267 9.56 24.23 5.13
CA PRO A 267 9.49 22.82 5.51
C PRO A 267 8.77 22.77 6.83
N VAL A 268 7.73 21.98 6.91
CA VAL A 268 7.01 21.94 8.15
C VAL A 268 6.75 20.48 8.46
N ILE A 269 6.32 20.26 9.68
CA ILE A 269 5.69 19.04 10.13
C ILE A 269 4.19 19.21 10.22
N CYS A 270 3.49 18.32 9.53
CA CYS A 270 2.06 18.10 9.53
C CYS A 270 1.72 17.03 10.55
N ALA A 271 0.46 16.99 10.99
CA ALA A 271 0.10 15.92 11.90
C ALA A 271 -1.34 15.55 11.64
N MET A 272 -1.57 14.27 11.38
CA MET A 272 -2.90 13.76 11.10
C MET A 272 -3.23 12.76 12.18
N SER A 273 -4.38 12.94 12.81
CA SER A 273 -4.75 12.08 13.91
C SER A 273 -6.24 11.80 13.86
N CYS A 274 -6.65 10.72 14.50
CA CYS A 274 -8.08 10.46 14.63
C CYS A 274 -8.34 9.50 15.77
N TRP A 275 -9.58 9.50 16.23
CA TRP A 275 -10.02 8.66 17.33
C TRP A 275 -11.09 7.79 16.70
N ILE A 276 -10.79 6.50 16.58
CA ILE A 276 -11.74 5.53 16.07
C ILE A 276 -12.64 5.14 17.22
N GLY A 277 -13.80 5.76 17.29
CA GLY A 277 -14.61 5.53 18.46
C GLY A 277 -15.53 6.70 18.65
N ASP A 278 -16.07 6.75 19.85
CA ASP A 278 -16.94 7.84 20.20
C ASP A 278 -16.22 9.17 19.95
N PRO A 279 -16.88 10.11 19.27
CA PRO A 279 -16.22 11.38 18.94
C PRO A 279 -16.06 12.26 20.13
N HIS A 280 -16.86 12.03 21.15
CA HIS A 280 -16.73 12.82 22.36
C HIS A 280 -15.47 12.47 23.12
N GLU A 281 -15.20 11.17 23.29
CA GLU A 281 -13.90 10.72 23.82
C GLU A 281 -12.74 11.21 23.00
N GLY A 282 -12.88 11.08 21.69
CA GLY A 282 -11.92 11.62 20.76
C GLY A 282 -11.59 13.08 20.99
N GLU A 283 -12.60 13.94 21.06
CA GLU A 283 -12.30 15.35 21.24
C GLU A 283 -11.34 15.54 22.40
N ARG A 284 -11.61 14.88 23.52
CA ARG A 284 -10.74 15.05 24.67
C ARG A 284 -9.33 14.57 24.38
N GLN A 285 -9.22 13.40 23.75
CA GLN A 285 -7.92 12.77 23.58
C GLN A 285 -7.04 13.47 22.55
N LEU A 286 -7.60 13.87 21.42
CA LEU A 286 -6.78 14.54 20.42
C LEU A 286 -6.28 15.89 20.91
N GLU A 287 -7.16 16.67 21.54
CA GLU A 287 -6.77 17.96 22.11
C GLU A 287 -5.53 17.84 22.99
N SER A 288 -5.47 16.80 23.84
CA SER A 288 -4.35 16.57 24.73
C SER A 288 -2.99 16.36 24.05
N ILE A 289 -2.95 15.90 22.79
CA ILE A 289 -1.68 15.70 22.08
C ILE A 289 -1.46 16.72 20.99
N LEU A 290 -2.37 17.67 20.81
CA LEU A 290 -2.25 18.52 19.65
C LEU A 290 -1.25 19.62 19.87
N HIS A 291 -0.87 19.84 21.10
CA HIS A 291 0.07 20.87 21.42
C HIS A 291 1.43 20.33 21.76
N ALA A 292 1.79 19.21 21.11
CA ALA A 292 3.14 18.74 21.27
C ALA A 292 4.07 19.87 20.83
N GLY A 293 3.61 20.67 19.87
CA GLY A 293 4.25 21.95 19.70
C GLY A 293 3.24 23.02 19.37
N LYS A 294 3.70 24.18 18.95
CA LYS A 294 2.75 25.24 18.65
C LYS A 294 2.07 24.99 17.31
N PRO A 295 0.76 24.76 17.29
CA PRO A 295 0.08 24.24 16.09
C PRO A 295 -0.33 25.37 15.17
N HIS A 296 -0.28 25.12 13.87
CA HIS A 296 -0.67 26.11 12.89
C HIS A 296 -1.55 25.45 11.84
N GLY A 297 -2.44 26.25 11.24
CA GLY A 297 -3.26 25.75 10.16
C GLY A 297 -4.09 24.60 10.67
N LEU A 298 -4.51 24.70 11.93
CA LEU A 298 -5.33 23.69 12.60
C LEU A 298 -6.71 23.50 11.99
N THR A 299 -7.00 22.26 11.60
CA THR A 299 -8.33 21.79 11.21
C THR A 299 -8.83 20.68 12.16
N LYS A 300 -10.04 20.84 12.71
CA LYS A 300 -10.76 19.76 13.42
C LYS A 300 -12.14 19.49 12.81
N ALA A 301 -12.47 18.23 12.54
CA ALA A 301 -13.78 17.86 12.01
C ALA A 301 -14.25 16.51 12.56
N THR A 302 -15.57 16.28 12.56
CA THR A 302 -16.09 14.92 12.70
C THR A 302 -16.50 14.40 11.33
N LEU A 303 -15.87 13.29 10.91
CA LEU A 303 -15.96 12.77 9.55
C LEU A 303 -16.48 11.34 9.57
N PRO A 304 -17.37 10.96 8.65
CA PRO A 304 -17.53 9.53 8.36
C PRO A 304 -16.19 8.98 7.96
N TYR A 305 -15.97 7.68 8.23
CA TYR A 305 -14.68 7.10 7.91
C TYR A 305 -14.39 7.28 6.45
N ARG A 306 -15.43 7.29 5.66
CA ARG A 306 -15.20 7.42 4.25
C ARG A 306 -14.45 8.69 4.13
N ALA A 307 -14.85 9.72 4.84
CA ALA A 307 -14.17 10.98 4.69
C ALA A 307 -12.76 10.99 5.09
N LEU A 308 -12.40 10.13 6.05
CA LEU A 308 -11.02 10.05 6.52
C LEU A 308 -10.12 9.57 5.41
N GLN A 309 -10.62 8.62 4.62
CA GLN A 309 -9.87 8.09 3.50
C GLN A 309 -9.73 9.07 2.35
N ALA A 310 -10.76 9.85 2.08
CA ALA A 310 -10.72 10.73 0.94
C ALA A 310 -9.71 11.81 0.99
N TYR A 311 -9.48 12.44 2.12
CA TYR A 311 -8.58 13.56 2.18
C TYR A 311 -7.21 13.20 1.75
N SER A 312 -6.68 12.11 2.22
CA SER A 312 -5.35 11.79 1.74
C SER A 312 -5.33 11.70 0.23
N PHE A 313 -4.58 12.61 -0.42
CA PHE A 313 -4.09 13.81 0.24
C PHE A 313 -4.23 15.07 -0.63
N PRO A 314 -4.56 16.17 0.03
CA PRO A 314 -4.71 17.45 -0.67
C PRO A 314 -3.44 17.96 -1.34
N GLY A 315 -3.53 18.08 -2.65
CA GLY A 315 -2.43 18.52 -3.48
C GLY A 315 -3.06 18.96 -4.77
N ALA A 316 -2.57 20.04 -5.35
CA ALA A 316 -3.15 20.55 -6.58
C ALA A 316 -2.58 19.89 -7.81
N VAL A 317 -1.38 19.33 -7.70
CA VAL A 317 -0.74 18.56 -8.76
C VAL A 317 -0.51 17.13 -8.31
N VAL A 318 -0.73 16.19 -9.23
CA VAL A 318 -0.58 14.77 -8.95
C VAL A 318 0.84 14.49 -9.41
N PRO A 319 1.70 13.87 -8.61
CA PRO A 319 3.10 13.83 -9.01
C PRO A 319 3.36 12.73 -10.04
N ASP A 320 4.14 13.06 -11.07
CA ASP A 320 4.42 12.09 -12.12
C ASP A 320 5.50 11.12 -11.72
N ARG A 321 6.52 11.61 -11.05
CA ARG A 321 7.68 10.78 -10.83
C ARG A 321 7.82 10.63 -9.33
N ILE A 322 8.08 9.40 -8.93
CA ILE A 322 8.15 9.03 -7.53
C ILE A 322 9.30 8.09 -7.28
N TYR A 323 9.75 8.11 -6.04
CA TYR A 323 10.79 7.21 -5.58
C TYR A 323 10.65 7.08 -4.08
N THR A 324 10.50 5.85 -3.58
CA THR A 324 10.28 5.60 -2.16
C THR A 324 11.34 4.72 -1.51
N LYS A 325 11.67 4.99 -0.24
CA LYS A 325 12.58 4.14 0.55
C LYS A 325 12.03 3.91 1.95
N SER A 326 11.79 2.65 2.31
CA SER A 326 11.10 2.37 3.57
C SER A 326 11.78 1.25 4.33
N GLY A 327 11.71 1.36 5.66
CA GLY A 327 12.07 0.30 6.58
C GLY A 327 11.25 0.43 7.86
N TYR A 328 11.38 -0.59 8.71
CA TYR A 328 10.85 -0.60 10.07
C TYR A 328 11.89 -0.20 11.12
N LEU A 329 11.40 0.31 12.26
CA LEU A 329 12.20 0.50 13.46
C LEU A 329 11.53 -0.10 14.71
N ASN A 330 12.30 -0.81 15.55
CA ASN A 330 11.82 -1.23 16.87
C ASN A 330 11.87 -0.10 17.91
N GLU A 331 12.78 0.89 17.74
CA GLU A 331 12.90 1.99 18.70
C GLU A 331 13.44 3.16 17.88
N LEU A 332 13.03 4.38 18.20
CA LEU A 332 13.57 5.49 17.48
C LEU A 332 14.46 6.15 18.48
N SER A 333 15.77 6.21 18.24
CA SER A 333 16.56 6.85 19.24
C SER A 333 16.49 8.34 19.04
N ASP A 334 17.08 9.04 19.98
CA ASP A 334 17.24 10.47 19.89
C ASP A 334 18.12 10.84 18.72
N GLU A 335 19.19 10.09 18.51
CA GLU A 335 20.00 10.30 17.32
C GLU A 335 19.19 10.05 16.06
N ALA A 336 18.37 9.00 16.05
CA ALA A 336 17.45 8.80 14.94
C ALA A 336 16.54 10.00 14.76
N THR A 337 16.02 10.51 15.86
CA THR A 337 15.14 11.66 15.82
C THR A 337 15.83 12.88 15.19
N ASP A 338 17.07 13.15 15.63
CA ASP A 338 17.89 14.26 15.10
C ASP A 338 18.23 14.12 13.62
N THR A 339 18.53 12.89 13.17
CA THR A 339 18.81 12.64 11.76
C THR A 339 17.70 13.09 10.83
N VAL A 340 16.55 12.45 10.99
CA VAL A 340 15.38 12.68 10.17
C VAL A 340 15.09 14.16 10.21
N LEU A 341 15.11 14.71 11.42
CA LEU A 341 14.89 16.13 11.62
C LEU A 341 16.01 16.84 10.89
N GLU A 342 17.22 16.32 11.04
CA GLU A 342 18.37 16.87 10.38
C GLU A 342 18.16 16.75 8.88
N HIS A 343 17.65 15.62 8.41
CA HIS A 343 17.46 15.47 7.00
C HIS A 343 16.45 16.30 6.26
N ALA A 344 15.34 16.53 6.96
CA ALA A 344 14.16 17.26 6.50
C ALA A 344 14.43 18.60 5.84
N ALA A 345 15.24 19.41 6.50
CA ALA A 345 15.58 20.73 5.99
C ALA A 345 16.03 20.68 4.55
N ASP A 346 16.50 19.51 4.12
CA ASP A 346 16.98 19.38 2.75
C ASP A 346 15.88 19.10 1.71
N ILE A 347 14.62 18.94 2.13
CA ILE A 347 13.51 18.66 1.22
C ILE A 347 13.25 19.82 0.27
N ALA A 348 13.26 19.53 -1.05
CA ALA A 348 13.31 20.59 -2.06
C ALA A 348 12.28 20.44 -3.18
N SER A 349 11.25 19.62 -3.01
CA SER A 349 10.23 19.51 -4.05
C SER A 349 8.92 19.47 -3.29
N PRO A 350 7.85 19.95 -3.89
CA PRO A 350 6.67 20.24 -3.08
C PRO A 350 5.93 19.02 -2.64
N PHE A 351 6.07 17.90 -3.36
CA PHE A 351 5.27 16.73 -3.07
C PHE A 351 6.03 15.62 -2.43
N THR A 352 7.32 15.73 -2.28
CA THR A 352 7.99 14.67 -1.58
C THR A 352 7.71 14.86 -0.11
N GLN A 353 7.52 13.76 0.58
CA GLN A 353 7.20 13.74 2.00
C GLN A 353 8.13 12.75 2.64
N LEU A 354 8.63 13.10 3.80
CA LEU A 354 9.14 12.09 4.70
C LEU A 354 8.10 11.77 5.76
N GLU A 355 7.51 10.60 5.63
CA GLU A 355 6.40 10.24 6.48
C GLU A 355 6.84 9.38 7.65
N LEU A 356 6.15 9.57 8.76
CA LEU A 356 6.44 8.90 10.02
C LEU A 356 5.14 8.39 10.59
N LEU A 357 4.96 7.09 10.53
CA LEU A 357 3.75 6.43 10.96
C LEU A 357 4.12 5.60 12.18
N TYR A 358 3.17 5.38 13.07
CA TYR A 358 3.35 4.51 14.23
C TYR A 358 2.30 3.41 14.22
N LEU A 359 2.73 2.16 14.18
CA LEU A 359 1.68 1.17 14.08
C LEU A 359 1.36 0.46 15.39
N GLY A 360 1.67 -0.83 15.47
CA GLY A 360 1.31 -1.61 16.63
C GLY A 360 -0.20 -1.56 16.85
N GLY A 361 -0.63 -2.12 17.97
CA GLY A 361 -2.04 -2.25 18.25
C GLY A 361 -2.55 -3.62 17.85
N ALA A 362 -3.65 -3.65 17.11
CA ALA A 362 -4.18 -4.95 16.76
C ALA A 362 -3.16 -5.73 15.96
N VAL A 363 -2.31 -5.04 15.21
CA VAL A 363 -1.26 -5.68 14.42
C VAL A 363 -0.25 -6.42 15.28
N ALA A 364 0.23 -5.78 16.36
CA ALA A 364 1.27 -6.43 17.15
C ALA A 364 0.74 -7.52 18.07
N ARG A 365 -0.56 -7.64 18.22
CA ARG A 365 -1.06 -8.74 19.04
C ARG A 365 -1.17 -10.04 18.23
N VAL A 366 -0.99 -9.98 16.93
CA VAL A 366 -1.00 -11.15 16.03
C VAL A 366 0.39 -11.82 15.99
N PRO A 367 0.46 -13.16 16.13
CA PRO A 367 1.75 -13.86 16.13
C PRO A 367 2.56 -13.65 14.84
N ASP A 368 3.89 -13.47 15.01
CA ASP A 368 4.73 -13.11 13.88
C ASP A 368 4.67 -14.12 12.72
N ASP A 369 4.52 -15.41 13.00
CA ASP A 369 4.45 -16.47 11.99
C ASP A 369 3.04 -16.82 11.55
N ALA A 370 2.04 -16.06 12.00
CA ALA A 370 0.64 -16.38 11.74
C ALA A 370 0.22 -16.08 10.32
N THR A 371 1.00 -15.26 9.63
CA THR A 371 0.77 -14.84 8.27
C THR A 371 2.12 -14.68 7.61
N ALA A 372 2.12 -14.43 6.32
CA ALA A 372 3.39 -14.18 5.68
C ALA A 372 3.93 -12.77 5.95
N TYR A 373 3.14 -11.89 6.54
CA TYR A 373 3.63 -10.55 6.86
C TYR A 373 4.66 -10.57 7.98
N PRO A 374 5.89 -10.15 7.74
CA PRO A 374 6.94 -10.16 8.75
C PRO A 374 6.93 -8.79 9.43
N ASN A 375 7.66 -8.69 10.54
CA ASN A 375 7.92 -7.44 11.24
C ASN A 375 6.74 -6.95 12.04
N ARG A 376 5.80 -7.80 12.44
CA ARG A 376 4.72 -7.28 13.25
C ARG A 376 5.25 -6.62 14.51
N GLN A 377 6.38 -7.10 15.01
CA GLN A 377 6.87 -6.70 16.31
C GLN A 377 7.59 -5.37 16.24
N SER A 378 7.86 -4.87 15.02
CA SER A 378 8.40 -3.55 14.76
C SER A 378 7.25 -2.55 14.74
N PRO A 379 7.22 -1.67 15.71
CA PRO A 379 6.12 -0.70 15.82
C PRO A 379 6.17 0.45 14.81
N PHE A 380 7.37 0.83 14.33
CA PHE A 380 7.58 2.04 13.53
C PHE A 380 7.67 1.81 12.03
N VAL A 381 7.05 2.68 11.23
CA VAL A 381 7.35 2.76 9.82
C VAL A 381 7.74 4.17 9.40
N THR A 382 8.80 4.27 8.61
CA THR A 382 9.17 5.52 7.98
C THR A 382 9.16 5.38 6.47
N ASN A 383 8.63 6.36 5.78
CA ASN A 383 8.57 6.27 4.33
C ASN A 383 9.04 7.62 3.80
N LEU A 384 10.21 7.62 3.16
CA LEU A 384 10.85 8.67 2.37
C LEU A 384 10.34 8.72 0.94
N ALA A 385 9.39 9.58 0.63
CA ALA A 385 8.66 9.52 -0.63
C ALA A 385 9.07 10.68 -1.55
N ALA A 386 10.21 10.55 -2.23
CA ALA A 386 10.51 11.51 -3.28
C ALA A 386 9.44 11.51 -4.37
N ALA A 387 9.04 12.71 -4.80
CA ALA A 387 8.00 12.91 -5.79
C ALA A 387 8.18 14.22 -6.54
N TRP A 388 8.06 14.16 -7.86
CA TRP A 388 8.32 15.34 -8.67
C TRP A 388 7.70 15.13 -10.04
N MET A 389 7.91 16.12 -10.91
CA MET A 389 7.38 16.23 -12.27
C MET A 389 8.43 16.15 -13.37
N ASP A 390 9.48 16.94 -13.26
CA ASP A 390 10.36 17.15 -14.40
C ASP A 390 11.34 15.97 -14.43
N PRO A 391 11.26 15.08 -15.50
CA PRO A 391 12.16 13.91 -15.56
C PRO A 391 13.63 14.21 -15.48
N THR A 392 14.00 15.42 -15.81
CA THR A 392 15.42 15.70 -15.83
C THR A 392 15.93 15.91 -14.44
N GLU A 393 15.01 16.05 -13.49
CA GLU A 393 15.30 16.40 -12.13
C GLU A 393 15.42 15.13 -11.32
N ASP A 394 15.33 13.99 -12.02
CA ASP A 394 15.23 12.68 -11.40
C ASP A 394 16.40 12.46 -10.47
N ALA A 395 17.60 12.74 -10.96
CA ALA A 395 18.79 12.49 -10.17
C ALA A 395 18.78 13.30 -8.88
N ARG A 396 18.25 14.54 -8.91
CA ARG A 396 18.34 15.32 -7.69
C ARG A 396 17.45 14.76 -6.57
N HIS A 397 16.17 14.54 -6.84
CA HIS A 397 15.30 13.95 -5.83
C HIS A 397 15.53 12.47 -5.53
N THR A 398 15.69 11.65 -6.57
CA THR A 398 15.98 10.23 -6.37
C THR A 398 17.13 10.04 -5.41
N ALA A 399 18.24 10.76 -5.63
CA ALA A 399 19.37 10.70 -4.73
C ALA A 399 19.02 11.02 -3.28
N TRP A 400 18.11 11.96 -3.03
CA TRP A 400 17.88 12.41 -1.65
C TRP A 400 17.38 11.29 -0.75
N ALA A 401 16.50 10.45 -1.25
CA ALA A 401 15.87 9.50 -0.36
C ALA A 401 16.89 8.47 0.05
N ARG A 402 17.80 8.08 -0.85
CA ARG A 402 18.81 7.15 -0.39
C ARG A 402 19.68 7.78 0.69
N GLU A 403 20.36 8.87 0.38
CA GLU A 403 21.18 9.47 1.41
C GLU A 403 20.38 9.51 2.74
N GLY A 404 19.11 9.09 2.69
CA GLY A 404 18.20 9.04 3.82
C GLY A 404 18.00 7.65 4.41
N TYR A 405 17.62 6.67 3.58
CA TYR A 405 17.48 5.30 4.06
C TYR A 405 18.90 4.98 4.43
N ARG A 406 19.79 5.15 3.45
CA ARG A 406 21.21 4.97 3.67
C ARG A 406 21.63 5.81 4.88
N ALA A 407 21.21 7.08 4.95
CA ALA A 407 21.65 7.90 6.05
C ALA A 407 21.07 7.32 7.31
N LEU A 408 19.82 6.87 7.24
CA LEU A 408 19.20 6.35 8.42
C LEU A 408 19.24 4.84 8.41
N ALA A 409 20.08 4.24 7.57
CA ALA A 409 19.98 2.79 7.54
C ALA A 409 20.67 1.90 8.52
N GLY A 410 20.40 2.08 9.79
CA GLY A 410 20.95 1.18 10.74
C GLY A 410 19.84 0.83 11.66
N HIS A 411 19.22 1.90 12.05
CA HIS A 411 18.20 1.89 13.08
C HIS A 411 17.11 0.90 12.66
N LEU A 412 17.17 0.51 11.38
CA LEU A 412 16.16 -0.19 10.62
C LEU A 412 16.34 -1.69 10.76
N SER A 413 15.22 -2.39 10.71
CA SER A 413 15.23 -3.83 10.64
C SER A 413 14.16 -4.38 9.71
N GLY A 414 14.48 -4.43 8.41
CA GLY A 414 13.54 -4.96 7.43
C GLY A 414 13.16 -4.00 6.30
N GLY A 415 11.86 -4.00 6.00
CA GLY A 415 11.16 -3.27 4.97
C GLY A 415 9.80 -3.90 4.72
N TYR A 416 8.82 -3.06 4.47
CA TYR A 416 7.49 -3.46 4.01
C TYR A 416 7.56 -3.74 2.52
N VAL A 417 7.11 -4.93 2.13
CA VAL A 417 7.11 -5.33 0.73
C VAL A 417 6.36 -4.33 -0.16
N ASN A 418 5.25 -3.76 0.31
CA ASN A 418 4.50 -2.83 -0.55
C ASN A 418 5.15 -1.44 -0.67
N PHE A 419 6.29 -1.21 -0.01
CA PHE A 419 7.06 0.02 -0.18
C PHE A 419 8.42 -0.14 -0.86
N MET A 420 8.66 -1.25 -1.55
CA MET A 420 9.97 -1.43 -2.14
C MET A 420 9.99 -0.58 -3.41
N ASN A 421 11.12 0.04 -3.72
CA ASN A 421 11.22 0.80 -4.96
C ASN A 421 11.73 -0.10 -6.10
N PRO A 422 11.81 0.39 -7.35
CA PRO A 422 12.22 -0.49 -8.44
C PRO A 422 13.64 -1.00 -8.27
N GLY A 423 14.48 -0.33 -7.47
CA GLY A 423 15.78 -0.95 -7.36
C GLY A 423 16.02 -1.94 -6.23
N GLU A 424 15.00 -2.37 -5.48
CA GLU A 424 15.17 -3.22 -4.29
C GLU A 424 14.76 -4.69 -4.44
N ALA A 425 14.82 -5.27 -5.64
CA ALA A 425 14.44 -6.68 -5.81
C ALA A 425 15.26 -7.66 -4.96
N ASP A 426 16.54 -7.37 -4.74
CA ASP A 426 17.40 -8.28 -3.97
C ASP A 426 17.18 -8.25 -2.48
N ARG A 427 16.50 -7.18 -2.07
CA ARG A 427 16.19 -6.84 -0.69
C ARG A 427 15.04 -7.62 -0.16
N THR A 428 14.52 -8.52 -0.98
CA THR A 428 13.44 -9.35 -0.57
C THR A 428 13.76 -10.21 0.62
N ARG A 429 14.96 -10.68 0.78
CA ARG A 429 15.31 -11.40 1.97
C ARG A 429 15.30 -10.65 3.35
N GLU A 430 15.69 -9.37 3.50
CA GLU A 430 15.70 -8.72 4.82
C GLU A 430 14.30 -8.34 5.28
N ALA A 431 13.43 -7.99 4.34
CA ALA A 431 12.06 -7.61 4.70
C ALA A 431 11.33 -8.77 5.37
N TYR A 432 11.26 -9.91 4.69
CA TYR A 432 10.62 -11.10 5.25
C TYR A 432 11.42 -11.73 6.38
N GLY A 433 12.73 -11.59 6.36
CA GLY A 433 13.58 -12.31 7.28
C GLY A 433 13.80 -13.73 6.77
N ALA A 434 14.79 -14.39 7.35
CA ALA A 434 15.22 -15.65 6.77
C ALA A 434 14.18 -16.75 6.85
N ALA A 435 14.11 -17.40 8.01
CA ALA A 435 13.17 -18.46 8.36
C ALA A 435 11.82 -18.54 7.64
N LYS A 436 11.08 -17.44 7.64
CA LYS A 436 9.80 -17.36 6.91
C LYS A 436 9.98 -17.69 5.45
N PHE A 437 11.00 -17.13 4.84
CA PHE A 437 11.26 -17.28 3.43
C PHE A 437 11.47 -18.74 3.02
N GLU A 438 12.08 -19.53 3.89
CA GLU A 438 12.17 -20.96 3.60
C GLU A 438 10.78 -21.60 3.50
N ARG A 439 9.87 -21.26 4.41
CA ARG A 439 8.50 -21.78 4.34
C ARG A 439 7.76 -21.30 3.09
N LEU A 440 7.93 -20.02 2.77
CA LEU A 440 7.38 -19.46 1.55
C LEU A 440 7.84 -20.20 0.31
N GLN A 441 9.13 -20.56 0.25
CA GLN A 441 9.63 -21.23 -0.94
C GLN A 441 9.02 -22.61 -1.12
N GLY A 442 8.75 -23.31 -0.04
CA GLY A 442 8.01 -24.55 -0.16
C GLY A 442 6.63 -24.37 -0.74
N VAL A 443 5.90 -23.34 -0.28
CA VAL A 443 4.57 -23.12 -0.81
C VAL A 443 4.61 -22.65 -2.25
N LYS A 444 5.56 -21.78 -2.61
CA LYS A 444 5.61 -21.37 -4.01
C LYS A 444 5.93 -22.56 -4.87
N ALA A 445 6.75 -23.47 -4.36
CA ALA A 445 7.18 -24.58 -5.18
C ALA A 445 6.02 -25.54 -5.38
N LYS A 446 5.10 -25.58 -4.43
CA LYS A 446 3.92 -26.43 -4.58
C LYS A 446 2.92 -25.81 -5.57
N TYR A 447 2.60 -24.52 -5.41
CA TYR A 447 1.56 -23.90 -6.24
C TYR A 447 2.07 -23.16 -7.48
N ASP A 448 3.32 -22.72 -7.51
CA ASP A 448 3.96 -22.06 -8.67
C ASP A 448 5.38 -22.57 -8.79
N PRO A 449 5.54 -23.84 -9.11
CA PRO A 449 6.88 -24.42 -9.12
C PRO A 449 7.77 -23.77 -10.12
N THR A 450 7.19 -23.10 -11.11
CA THR A 450 7.95 -22.58 -12.22
C THR A 450 8.26 -21.10 -12.17
N ASN A 451 7.87 -20.41 -11.11
CA ASN A 451 8.13 -18.97 -10.99
C ASN A 451 7.60 -18.22 -12.20
N LEU A 452 6.38 -18.56 -12.60
CA LEU A 452 5.71 -17.83 -13.66
C LEU A 452 5.42 -16.40 -13.25
N PHE A 453 5.15 -16.24 -11.97
CA PHE A 453 4.76 -14.97 -11.36
C PHE A 453 5.98 -14.39 -10.67
N ARG A 454 6.67 -13.54 -11.40
CA ARG A 454 7.95 -13.02 -10.97
C ARG A 454 7.97 -11.50 -11.00
N LEU A 455 6.84 -10.84 -11.25
CA LEU A 455 6.77 -9.38 -11.19
C LEU A 455 6.11 -9.02 -9.87
N ASN A 456 6.90 -9.14 -8.83
CA ASN A 456 6.49 -9.05 -7.44
C ASN A 456 7.77 -9.10 -6.66
N GLN A 457 7.68 -9.05 -5.34
CA GLN A 457 8.88 -9.28 -4.56
C GLN A 457 9.11 -10.78 -4.59
N ASN A 458 10.01 -11.19 -5.47
CA ASN A 458 9.99 -12.53 -6.05
C ASN A 458 10.57 -13.53 -5.07
N ILE A 459 9.89 -14.66 -5.00
CA ILE A 459 10.14 -15.85 -4.21
C ILE A 459 10.59 -16.99 -5.10
N PRO A 460 11.89 -17.31 -5.17
CA PRO A 460 12.31 -18.40 -6.04
C PRO A 460 11.82 -19.71 -5.44
N PRO A 461 11.61 -20.75 -6.26
CA PRO A 461 10.94 -21.94 -5.73
C PRO A 461 11.75 -22.76 -4.72
PA FAD B . 0.15 -3.37 -8.46
O1A FAD B . 1.44 -2.88 -8.98
O2A FAD B . -0.84 -3.62 -9.58
O5B FAD B . 0.43 -4.58 -7.47
C5B FAD B . 1.74 -4.77 -6.87
C4B FAD B . 2.14 -6.23 -6.88
O4B FAD B . 1.01 -7.06 -6.53
C3B FAD B . 2.60 -6.76 -8.23
O3B FAD B . 3.34 -7.96 -8.07
C2B FAD B . 1.28 -7.17 -8.86
O2B FAD B . 1.56 -8.01 -9.98
C1B FAD B . 0.63 -7.85 -7.66
N9A FAD B . -0.82 -7.92 -7.70
C8A FAD B . -1.67 -6.85 -7.68
N7A FAD B . -2.94 -7.16 -7.73
C5A FAD B . -2.93 -8.54 -7.79
C6A FAD B . -3.96 -9.49 -7.85
N6A FAD B . -5.25 -9.17 -7.88
N1A FAD B . -3.62 -10.80 -7.88
C2A FAD B . -2.33 -11.12 -7.85
N3A FAD B . -1.26 -10.31 -7.79
C4A FAD B . -1.63 -9.02 -7.75
N1 FAD B . 0.03 0.18 1.36
C2 FAD B . -0.54 0.06 2.59
O2 FAD B . -0.52 -1.02 3.20
N3 FAD B . -1.16 1.14 3.17
C4 FAD B . -1.25 2.40 2.63
O4 FAD B . -1.83 3.30 3.26
C4X FAD B . -0.64 2.52 1.33
N5 FAD B . -0.68 3.68 0.74
C5X FAD B . -0.09 3.78 -0.52
C6 FAD B . -0.11 5.01 -1.19
C7 FAD B . 0.47 5.15 -2.45
C7M FAD B . 0.43 6.47 -3.16
C8 FAD B . 1.09 4.03 -3.05
C8M FAD B . 1.74 4.13 -4.39
C9 FAD B . 1.12 2.83 -2.38
C9A FAD B . 0.53 2.68 -1.13
N10 FAD B . 0.54 1.45 -0.45
C10 FAD B . -0.02 1.34 0.79
C1' FAD B . 1.23 0.28 -1.02
C2' FAD B . 0.44 -0.44 -2.10
O2' FAD B . 0.13 -1.76 -1.64
C3' FAD B . 1.32 -0.58 -3.35
O3' FAD B . 1.26 0.61 -4.11
C4' FAD B . 0.81 -1.67 -4.27
O4' FAD B . 1.70 -1.84 -5.37
C5' FAD B . -0.56 -1.25 -4.74
O5' FAD B . -1.26 -2.40 -5.26
P FAD B . -1.84 -2.36 -6.70
O1P FAD B . -2.53 -3.69 -7.03
O2P FAD B . -2.54 -1.08 -6.79
O3P FAD B . -0.49 -2.28 -7.51
XE XE C . -21.14 -12.07 0.80
XE XE D . 3.71 8.44 -1.31
#